data_2V7C
#
_entry.id   2V7C
#
_cell.length_a   71.677
_cell.length_b   71.677
_cell.length_c   145.566
_cell.angle_alpha   90.00
_cell.angle_beta   90.00
_cell.angle_gamma   90.00
#
_symmetry.space_group_name_H-M   'P 41 21 2'
#
loop_
_entity.id
_entity.type
_entity.pdbx_description
1 polymer 'ORPHAN NUCLEAR RECEPTOR NR1D2'
2 water water
#
_entity_poly.entity_id   1
_entity_poly.type   'polypeptide(L)'
_entity_poly.pdbx_seq_one_letter_code
;(MSE)SKSPYVDPHKSGHEIWEEFS(MSE)SFTPAVKEVVEFAKRIPGFRDLSQHDQVNLLKAGTFEVL(MSE)VRFASL
FDAKERTVTFLSGKKYSVDDLHS(MSE)GAGDLLNS(MSE)FEFSEKLNALQLSDEE(MSE)SLFTAVVLVSADRSGIEN
VNSVEALQETLIRALRTLI(MSE)KNHPNEASIFTKLLLKLPDLRSLNN(MSE)HSEELLAFKVHP
;
_entity_poly.pdbx_strand_id   A,B
#
# COMPACT_ATOMS: atom_id res chain seq x y z
N GLU A 18 -15.11 -25.38 -7.96
CA GLU A 18 -15.05 -25.92 -9.31
C GLU A 18 -15.10 -24.83 -10.36
N GLU A 19 -15.19 -25.22 -11.63
CA GLU A 19 -15.26 -24.26 -12.72
C GLU A 19 -14.71 -22.90 -12.33
N PHE A 20 -13.55 -22.89 -11.68
CA PHE A 20 -12.92 -21.66 -11.26
C PHE A 20 -11.76 -21.93 -10.30
N SER A 21 -11.87 -23.02 -9.54
CA SER A 21 -10.72 -23.59 -8.86
C SER A 21 -9.52 -23.70 -9.81
N SER A 23 -9.19 -22.99 -12.86
CA SER A 23 -9.03 -21.86 -13.76
C SER A 23 -7.92 -20.90 -13.34
N PHE A 24 -7.50 -20.99 -12.08
CA PHE A 24 -6.44 -20.11 -11.58
C PHE A 24 -5.09 -20.80 -11.38
N THR A 25 -4.86 -21.89 -12.11
CA THR A 25 -3.60 -22.61 -12.03
C THR A 25 -2.74 -22.17 -13.22
N PRO A 26 -3.32 -22.15 -14.44
CA PRO A 26 -2.56 -21.73 -15.61
C PRO A 26 -2.44 -20.21 -15.57
N ALA A 27 -3.28 -19.58 -14.77
CA ALA A 27 -3.25 -18.14 -14.63
C ALA A 27 -1.93 -17.75 -13.96
N VAL A 28 -1.48 -18.59 -13.04
CA VAL A 28 -0.23 -18.34 -12.34
C VAL A 28 0.90 -18.40 -13.36
N LYS A 29 0.81 -19.36 -14.29
CA LYS A 29 1.84 -19.50 -15.31
C LYS A 29 1.84 -18.24 -16.20
N GLU A 30 0.67 -17.67 -16.39
CA GLU A 30 0.50 -16.48 -17.22
C GLU A 30 1.16 -15.24 -16.57
N VAL A 31 1.11 -15.15 -15.24
CA VAL A 31 1.72 -14.02 -14.54
C VAL A 31 3.24 -14.09 -14.68
N VAL A 32 3.79 -15.29 -14.60
CA VAL A 32 5.23 -15.46 -14.72
C VAL A 32 5.69 -14.93 -16.08
N GLU A 33 4.97 -15.33 -17.14
CA GLU A 33 5.30 -14.90 -18.50
C GLU A 33 5.08 -13.40 -18.70
N PHE A 34 4.05 -12.84 -18.06
CA PHE A 34 3.75 -11.40 -18.14
C PHE A 34 4.90 -10.61 -17.53
N ALA A 35 5.40 -11.07 -16.38
CA ALA A 35 6.50 -10.41 -15.70
C ALA A 35 7.74 -10.43 -16.58
N LYS A 36 8.03 -11.57 -17.21
CA LYS A 36 9.20 -11.64 -18.06
C LYS A 36 9.18 -10.56 -19.13
N ARG A 37 7.98 -10.17 -19.55
CA ARG A 37 7.83 -9.12 -20.57
C ARG A 37 7.87 -7.70 -20.01
N ILE A 38 8.10 -7.57 -18.71
CA ILE A 38 8.16 -6.22 -18.13
C ILE A 38 9.60 -5.75 -18.27
N PRO A 39 9.83 -4.79 -19.17
CA PRO A 39 11.18 -4.24 -19.40
C PRO A 39 11.88 -3.92 -18.10
N GLY A 40 12.99 -4.60 -17.84
CA GLY A 40 13.75 -4.36 -16.62
C GLY A 40 13.56 -5.44 -15.56
N PHE A 41 12.45 -6.15 -15.63
CA PHE A 41 12.15 -7.19 -14.66
C PHE A 41 13.25 -8.24 -14.58
N ARG A 42 13.75 -8.66 -15.73
CA ARG A 42 14.80 -9.69 -15.74
C ARG A 42 16.16 -9.17 -15.36
N ASP A 43 16.22 -7.92 -14.93
CA ASP A 43 17.47 -7.32 -14.49
C ASP A 43 17.56 -7.43 -12.98
N LEU A 44 16.41 -7.49 -12.31
CA LEU A 44 16.38 -7.62 -10.86
C LEU A 44 16.99 -8.99 -10.57
N SER A 45 17.49 -9.16 -9.36
CA SER A 45 18.07 -10.44 -8.97
C SER A 45 17.03 -11.52 -9.13
N GLN A 46 17.50 -12.75 -9.30
CA GLN A 46 16.64 -13.90 -9.44
C GLN A 46 15.84 -14.00 -8.14
N HIS A 47 16.53 -13.70 -7.05
CA HIS A 47 15.92 -13.75 -5.71
C HIS A 47 14.71 -12.82 -5.64
N ASP A 48 14.89 -11.58 -6.11
CA ASP A 48 13.81 -10.61 -6.09
C ASP A 48 12.66 -10.89 -7.06
N GLN A 49 12.96 -11.54 -8.16
CA GLN A 49 11.95 -11.88 -9.15
C GLN A 49 11.02 -12.95 -8.62
N VAL A 50 11.59 -13.93 -7.93
CA VAL A 50 10.80 -15.02 -7.38
C VAL A 50 9.93 -14.45 -6.27
N ASN A 51 10.50 -13.57 -5.46
CA ASN A 51 9.75 -12.98 -4.38
C ASN A 51 8.63 -12.02 -4.80
N LEU A 52 8.85 -11.23 -5.84
CA LEU A 52 7.78 -10.33 -6.29
C LEU A 52 6.63 -11.20 -6.77
N LEU A 53 6.95 -12.23 -7.56
CA LEU A 53 5.92 -13.15 -8.07
C LEU A 53 5.21 -13.92 -6.96
N LYS A 54 5.94 -14.36 -5.94
CA LYS A 54 5.33 -15.10 -4.84
C LYS A 54 4.35 -14.23 -4.07
N ALA A 55 4.78 -13.00 -3.80
CA ALA A 55 4.01 -12.01 -3.05
C ALA A 55 2.94 -11.29 -3.87
N GLY A 56 3.27 -10.94 -5.10
CA GLY A 56 2.32 -10.19 -5.92
C GLY A 56 1.38 -10.91 -6.86
N THR A 57 1.62 -12.18 -7.15
CA THR A 57 0.77 -12.93 -8.06
C THR A 57 -0.72 -12.82 -7.70
N PHE A 58 -1.02 -12.89 -6.40
CA PHE A 58 -2.40 -12.76 -5.92
C PHE A 58 -3.00 -11.39 -6.27
N GLU A 59 -2.22 -10.33 -6.11
CA GLU A 59 -2.74 -9.00 -6.42
C GLU A 59 -2.93 -8.75 -7.90
N VAL A 60 -2.09 -9.38 -8.72
CA VAL A 60 -2.21 -9.24 -10.17
C VAL A 60 -3.44 -10.03 -10.63
N LEU A 61 -3.66 -11.19 -10.03
CA LEU A 61 -4.81 -12.00 -10.39
C LEU A 61 -6.09 -11.24 -10.03
N VAL A 63 -6.55 -8.02 -10.23
CA VAL A 63 -6.74 -7.09 -11.34
C VAL A 63 -7.23 -7.85 -12.59
N ARG A 64 -6.60 -8.99 -12.90
CA ARG A 64 -6.99 -9.78 -14.06
C ARG A 64 -8.47 -10.21 -13.98
N PHE A 65 -8.95 -10.52 -12.77
CA PHE A 65 -10.34 -10.91 -12.58
C PHE A 65 -11.21 -9.71 -12.94
N ALA A 66 -10.90 -8.55 -12.36
CA ALA A 66 -11.66 -7.35 -12.64
C ALA A 66 -11.81 -7.21 -14.16
N SER A 67 -10.70 -7.37 -14.87
CA SER A 67 -10.68 -7.28 -16.33
C SER A 67 -11.63 -8.26 -17.00
N LEU A 68 -11.93 -9.35 -16.31
CA LEU A 68 -12.83 -10.36 -16.86
C LEU A 68 -14.17 -10.33 -16.13
N PHE A 69 -14.61 -9.13 -15.80
CA PHE A 69 -15.89 -8.92 -15.12
C PHE A 69 -16.61 -7.76 -15.81
N ASP A 70 -17.92 -7.69 -15.65
CA ASP A 70 -18.71 -6.64 -16.28
C ASP A 70 -19.96 -6.35 -15.46
N ALA A 71 -19.84 -5.49 -14.45
CA ALA A 71 -20.99 -5.13 -13.62
C ALA A 71 -21.99 -4.35 -14.47
N LYS A 72 -21.54 -3.97 -15.67
CA LYS A 72 -22.38 -3.23 -16.60
C LYS A 72 -23.33 -4.21 -17.29
N GLU A 73 -23.08 -5.50 -17.08
CA GLU A 73 -23.90 -6.56 -17.64
C GLU A 73 -23.98 -7.76 -16.68
N ARG A 74 -23.40 -7.61 -15.50
CA ARG A 74 -23.41 -8.65 -14.47
C ARG A 74 -22.78 -9.97 -14.94
N THR A 75 -21.81 -9.89 -15.83
CA THR A 75 -21.15 -11.09 -16.34
C THR A 75 -19.69 -11.25 -15.92
N VAL A 76 -19.37 -12.43 -15.39
CA VAL A 76 -18.02 -12.75 -14.94
C VAL A 76 -17.42 -13.82 -15.86
N THR A 77 -16.42 -13.44 -16.64
CA THR A 77 -15.77 -14.38 -17.54
C THR A 77 -14.46 -14.88 -16.96
N PHE A 78 -14.27 -16.20 -17.01
CA PHE A 78 -13.06 -16.81 -16.48
C PHE A 78 -12.02 -17.02 -17.57
N LEU A 79 -10.75 -16.87 -17.21
CA LEU A 79 -9.64 -17.04 -18.14
C LEU A 79 -9.85 -18.34 -18.93
N SER A 80 -10.65 -19.23 -18.35
CA SER A 80 -10.96 -20.54 -18.93
C SER A 80 -11.78 -20.43 -20.22
N GLY A 81 -12.62 -19.40 -20.30
CA GLY A 81 -13.44 -19.23 -21.49
C GLY A 81 -14.91 -19.01 -21.20
N LYS A 82 -15.57 -20.02 -20.65
CA LYS A 82 -16.99 -19.92 -20.33
C LYS A 82 -17.31 -18.66 -19.53
N LYS A 83 -18.58 -18.25 -19.61
CA LYS A 83 -19.04 -17.04 -18.94
C LYS A 83 -20.25 -17.28 -18.04
N TYR A 84 -20.22 -16.70 -16.84
CA TYR A 84 -21.30 -16.84 -15.85
C TYR A 84 -21.65 -15.46 -15.26
N SER A 85 -22.66 -15.41 -14.40
CA SER A 85 -23.08 -14.15 -13.78
C SER A 85 -23.22 -14.26 -12.26
N GLY A 95 -16.78 -17.18 -0.45
CA GLY A 95 -17.91 -16.37 -0.84
C GLY A 95 -17.78 -14.93 -0.37
N ASP A 96 -16.88 -14.68 0.56
CA ASP A 96 -16.71 -13.32 1.07
C ASP A 96 -15.48 -12.64 0.47
N LEU A 97 -14.73 -13.40 -0.33
CA LEU A 97 -13.57 -12.87 -1.03
C LEU A 97 -14.16 -12.50 -2.38
N LEU A 98 -15.07 -13.35 -2.82
CA LEU A 98 -15.74 -13.18 -4.09
C LEU A 98 -16.62 -11.95 -4.09
N ASN A 99 -17.04 -11.54 -2.90
CA ASN A 99 -17.87 -10.36 -2.78
C ASN A 99 -16.94 -9.15 -2.83
N SER A 100 -15.74 -9.32 -2.29
CA SER A 100 -14.75 -8.25 -2.29
C SER A 100 -14.25 -8.07 -3.72
N PHE A 102 -15.92 -8.34 -6.24
CA PHE A 102 -16.92 -7.63 -7.02
C PHE A 102 -16.92 -6.15 -6.72
N GLU A 103 -16.79 -5.77 -5.45
CA GLU A 103 -16.74 -4.36 -5.11
C GLU A 103 -15.51 -3.77 -5.78
N PHE A 104 -14.42 -4.53 -5.69
CA PHE A 104 -13.15 -4.12 -6.28
C PHE A 104 -13.29 -3.97 -7.78
N SER A 105 -13.79 -5.02 -8.42
CA SER A 105 -13.93 -5.02 -9.85
C SER A 105 -14.86 -3.94 -10.36
N GLU A 106 -15.94 -3.68 -9.63
CA GLU A 106 -16.86 -2.64 -10.07
C GLU A 106 -16.17 -1.29 -10.04
N LYS A 107 -15.50 -1.00 -8.93
CA LYS A 107 -14.81 0.28 -8.78
C LYS A 107 -13.74 0.45 -9.85
N LEU A 108 -12.92 -0.58 -10.10
CA LEU A 108 -11.86 -0.47 -11.10
C LEU A 108 -12.44 -0.34 -12.49
N ASN A 109 -13.46 -1.17 -12.78
CA ASN A 109 -14.11 -1.16 -14.08
C ASN A 109 -14.75 0.20 -14.36
N ALA A 110 -14.98 0.97 -13.30
CA ALA A 110 -15.58 2.30 -13.44
C ALA A 110 -14.64 3.28 -14.16
N LEU A 111 -13.34 3.17 -13.89
CA LEU A 111 -12.33 4.04 -14.51
C LEU A 111 -12.29 3.89 -16.03
N GLN A 112 -12.79 2.76 -16.52
CA GLN A 112 -12.83 2.50 -17.96
C GLN A 112 -11.46 2.62 -18.60
N LEU A 113 -10.49 1.92 -18.05
CA LEU A 113 -9.13 1.94 -18.58
C LEU A 113 -9.07 1.16 -19.89
N SER A 114 -8.11 1.50 -20.74
CA SER A 114 -7.93 0.78 -21.99
C SER A 114 -7.07 -0.43 -21.62
N ASP A 115 -6.97 -1.42 -22.51
CA ASP A 115 -6.18 -2.61 -22.22
C ASP A 115 -4.73 -2.22 -21.93
N GLU A 116 -4.23 -1.23 -22.66
CA GLU A 116 -2.86 -0.80 -22.46
C GLU A 116 -2.68 -0.23 -21.05
N GLU A 117 -3.67 0.52 -20.57
CA GLU A 117 -3.55 1.08 -19.24
C GLU A 117 -3.64 -0.05 -18.24
N SER A 119 -2.74 -3.17 -18.60
CA SER A 119 -1.50 -3.93 -18.54
C SER A 119 -0.44 -3.18 -17.75
N LEU A 120 -0.27 -1.89 -18.04
CA LEU A 120 0.71 -1.08 -17.34
C LEU A 120 0.44 -1.06 -15.85
N PHE A 121 -0.84 -0.95 -15.49
CA PHE A 121 -1.27 -0.92 -14.10
C PHE A 121 -0.97 -2.24 -13.40
N THR A 122 -1.16 -3.34 -14.14
CA THR A 122 -0.91 -4.67 -13.59
C THR A 122 0.58 -4.85 -13.31
N ALA A 123 1.42 -4.29 -14.17
CA ALA A 123 2.86 -4.41 -13.97
C ALA A 123 3.24 -3.60 -12.74
N VAL A 124 2.56 -2.46 -12.56
CA VAL A 124 2.82 -1.62 -11.40
C VAL A 124 2.43 -2.38 -10.14
N VAL A 125 1.32 -3.12 -10.21
CA VAL A 125 0.87 -3.90 -9.06
C VAL A 125 1.92 -4.96 -8.72
N LEU A 126 2.37 -5.70 -9.73
CA LEU A 126 3.38 -6.74 -9.50
C LEU A 126 4.65 -6.16 -8.90
N VAL A 127 5.17 -5.10 -9.48
CA VAL A 127 6.41 -4.51 -8.98
C VAL A 127 6.22 -3.66 -7.72
N SER A 128 5.00 -3.62 -7.21
CA SER A 128 4.70 -2.90 -5.99
C SER A 128 4.52 -3.88 -4.82
N ALA A 129 4.64 -5.18 -5.12
CA ALA A 129 4.44 -6.22 -4.10
C ALA A 129 5.29 -6.11 -2.83
N ASP A 130 4.79 -6.73 -1.76
CA ASP A 130 5.45 -6.75 -0.44
C ASP A 130 6.97 -6.82 -0.59
N ARG A 131 7.67 -5.88 0.02
CA ARG A 131 9.13 -5.84 -0.05
C ARG A 131 9.84 -6.69 0.99
N SER A 132 9.07 -7.44 1.80
CA SER A 132 9.66 -8.28 2.85
C SER A 132 10.72 -9.27 2.39
N GLY A 133 10.52 -9.93 1.27
CA GLY A 133 11.54 -10.88 0.82
C GLY A 133 12.48 -10.33 -0.25
N ILE A 134 12.54 -9.01 -0.39
CA ILE A 134 13.37 -8.37 -1.42
C ILE A 134 14.73 -7.93 -0.86
N GLU A 135 15.80 -8.28 -1.60
CA GLU A 135 17.15 -7.92 -1.18
C GLU A 135 17.68 -6.60 -1.79
N ASN A 136 17.23 -6.25 -2.98
CA ASN A 136 17.66 -5.00 -3.58
C ASN A 136 16.41 -4.14 -3.79
N VAL A 137 15.98 -3.46 -2.73
CA VAL A 137 14.79 -2.64 -2.79
C VAL A 137 15.00 -1.46 -3.71
N ASN A 138 16.19 -0.89 -3.70
CA ASN A 138 16.46 0.23 -4.60
C ASN A 138 16.14 -0.15 -6.05
N SER A 139 16.57 -1.34 -6.49
CA SER A 139 16.35 -1.72 -7.88
C SER A 139 14.88 -1.98 -8.16
N VAL A 140 14.14 -2.45 -7.15
CA VAL A 140 12.73 -2.70 -7.32
C VAL A 140 11.96 -1.37 -7.29
N GLU A 141 12.34 -0.44 -6.42
CA GLU A 141 11.66 0.85 -6.39
C GLU A 141 11.97 1.63 -7.67
N ALA A 142 13.17 1.44 -8.21
CA ALA A 142 13.54 2.14 -9.43
C ALA A 142 12.68 1.61 -10.59
N LEU A 143 12.45 0.31 -10.62
CA LEU A 143 11.61 -0.24 -11.68
C LEU A 143 10.15 0.21 -11.53
N GLN A 144 9.67 0.33 -10.30
CA GLN A 144 8.31 0.75 -10.01
C GLN A 144 8.12 2.21 -10.44
N GLU A 145 9.15 3.01 -10.20
CA GLU A 145 9.10 4.42 -10.55
C GLU A 145 8.91 4.59 -12.05
N THR A 146 9.74 3.88 -12.82
CA THR A 146 9.68 3.89 -14.27
C THR A 146 8.30 3.48 -14.77
N LEU A 147 7.72 2.46 -14.15
CA LEU A 147 6.39 2.01 -14.56
C LEU A 147 5.32 2.99 -14.10
N ILE A 148 5.50 3.56 -12.92
CA ILE A 148 4.57 4.54 -12.39
C ILE A 148 4.52 5.77 -13.30
N ARG A 149 5.70 6.31 -13.65
CA ARG A 149 5.75 7.49 -14.51
C ARG A 149 5.08 7.26 -15.86
N ALA A 150 5.24 6.06 -16.43
CA ALA A 150 4.62 5.75 -17.71
C ALA A 150 3.12 5.63 -17.55
N LEU A 151 2.67 5.09 -16.42
CA LEU A 151 1.24 4.94 -16.19
C LEU A 151 0.58 6.32 -16.14
N ARG A 152 1.15 7.22 -15.34
CA ARG A 152 0.64 8.59 -15.20
C ARG A 152 0.64 9.32 -16.54
N THR A 153 1.70 9.12 -17.30
CA THR A 153 1.82 9.75 -18.60
C THR A 153 0.80 9.17 -19.56
N LEU A 154 0.56 7.87 -19.46
CA LEU A 154 -0.39 7.21 -20.35
C LEU A 154 -1.83 7.52 -19.95
N ILE A 155 -2.07 7.79 -18.68
CA ILE A 155 -3.42 8.12 -18.21
C ILE A 155 -3.79 9.55 -18.62
N LYS A 157 -2.81 11.20 -21.09
CA LYS A 157 -3.04 11.29 -22.52
C LYS A 157 -4.40 10.74 -22.94
N ASN A 158 -4.78 9.60 -22.38
CA ASN A 158 -6.05 8.97 -22.74
C ASN A 158 -7.23 9.53 -21.94
N HIS A 159 -6.94 10.19 -20.82
CA HIS A 159 -8.00 10.75 -19.98
C HIS A 159 -7.58 12.14 -19.52
N PRO A 160 -7.28 13.04 -20.48
CA PRO A 160 -6.84 14.40 -20.18
C PRO A 160 -7.63 15.14 -19.10
N ASN A 161 -8.94 14.96 -19.07
CA ASN A 161 -9.75 15.63 -18.08
C ASN A 161 -10.08 14.78 -16.84
N GLU A 162 -9.45 13.59 -16.75
CA GLU A 162 -9.68 12.71 -15.62
C GLU A 162 -8.35 12.30 -14.98
N ALA A 163 -7.48 13.28 -14.73
CA ALA A 163 -6.19 13.00 -14.14
C ALA A 163 -6.34 12.19 -12.86
N SER A 164 -7.40 12.45 -12.11
CA SER A 164 -7.69 11.76 -10.85
C SER A 164 -7.69 10.23 -11.00
N ILE A 165 -7.90 9.75 -12.22
CA ILE A 165 -7.90 8.32 -12.47
C ILE A 165 -6.57 7.71 -12.02
N PHE A 166 -5.48 8.46 -12.16
CA PHE A 166 -4.19 7.97 -11.77
C PHE A 166 -4.14 7.82 -10.26
N THR A 167 -4.67 8.80 -9.52
CA THR A 167 -4.68 8.73 -8.05
C THR A 167 -5.50 7.55 -7.55
N LYS A 168 -6.69 7.37 -8.11
CA LYS A 168 -7.55 6.24 -7.72
C LYS A 168 -6.83 4.90 -7.87
N LEU A 169 -6.01 4.76 -8.91
CA LEU A 169 -5.26 3.53 -9.17
C LEU A 169 -4.18 3.28 -8.09
N LEU A 170 -3.52 4.33 -7.63
CA LEU A 170 -2.52 4.12 -6.59
C LEU A 170 -3.25 3.74 -5.29
N LEU A 171 -4.40 4.36 -5.04
CA LEU A 171 -5.15 4.06 -3.83
C LEU A 171 -5.57 2.59 -3.72
N LYS A 172 -5.63 1.91 -4.87
CA LYS A 172 -5.98 0.50 -4.92
C LYS A 172 -4.83 -0.41 -4.48
N LEU A 173 -3.59 0.11 -4.48
CA LEU A 173 -2.45 -0.72 -4.06
C LEU A 173 -2.58 -1.12 -2.58
N PRO A 174 -2.94 -0.17 -1.69
CA PRO A 174 -3.06 -0.60 -0.30
C PRO A 174 -4.27 -1.54 -0.13
N ASP A 175 -5.29 -1.35 -0.96
CA ASP A 175 -6.47 -2.20 -0.88
C ASP A 175 -6.14 -3.64 -1.27
N LEU A 176 -5.40 -3.80 -2.35
CA LEU A 176 -5.00 -5.13 -2.83
C LEU A 176 -4.07 -5.81 -1.82
N ARG A 177 -3.25 -5.04 -1.13
CA ARG A 177 -2.35 -5.61 -0.14
C ARG A 177 -3.21 -6.16 1.01
N SER A 178 -4.33 -5.52 1.32
CA SER A 178 -5.16 -6.06 2.41
C SER A 178 -5.86 -7.34 2.00
N LEU A 179 -6.48 -7.33 0.81
CA LEU A 179 -7.17 -8.52 0.33
C LEU A 179 -6.15 -9.65 0.35
N ASN A 180 -4.93 -9.33 -0.06
CA ASN A 180 -3.85 -10.31 -0.10
C ASN A 180 -3.59 -10.88 1.31
N ASN A 181 -3.31 -10.00 2.25
CA ASN A 181 -3.02 -10.44 3.60
C ASN A 181 -4.11 -11.35 4.15
N HIS A 183 -6.88 -13.07 2.19
CA HIS A 183 -7.36 -14.22 1.43
C HIS A 183 -6.34 -14.96 0.58
N SER A 184 -5.08 -14.55 0.55
CA SER A 184 -4.13 -15.25 -0.30
C SER A 184 -4.14 -16.75 -0.05
N GLU A 185 -4.13 -17.16 1.22
CA GLU A 185 -4.14 -18.56 1.57
C GLU A 185 -5.31 -19.33 0.93
N GLU A 186 -6.51 -18.78 0.99
CA GLU A 186 -7.66 -19.46 0.40
C GLU A 186 -7.66 -19.42 -1.12
N LEU A 187 -6.46 -19.38 -1.71
CA LEU A 187 -6.32 -19.36 -3.17
C LEU A 187 -4.97 -19.98 -3.51
N LEU A 188 -3.91 -19.43 -2.91
CA LEU A 188 -2.56 -19.93 -3.13
C LEU A 188 -2.42 -21.30 -2.48
N ALA A 189 -3.47 -22.11 -2.60
CA ALA A 189 -3.50 -23.45 -2.03
C ALA A 189 -4.40 -24.35 -2.88
N PHE A 190 -3.78 -25.24 -3.65
CA PHE A 190 -4.51 -26.16 -4.52
C PHE A 190 -5.42 -25.40 -5.48
N LYS A 191 -5.17 -24.11 -5.62
CA LYS A 191 -5.95 -23.24 -6.52
C LYS A 191 -7.32 -22.91 -5.92
N VAL A 192 -8.13 -23.85 -5.74
N SER B 12 21.01 -4.22 28.21
CA SER B 12 21.33 -4.50 26.78
C SER B 12 20.60 -5.74 26.28
N GLY B 13 20.51 -5.88 24.96
CA GLY B 13 19.84 -7.03 24.38
C GLY B 13 18.45 -6.76 23.83
N HIS B 14 17.56 -7.71 24.00
CA HIS B 14 16.18 -7.57 23.54
C HIS B 14 15.45 -6.80 24.63
N GLU B 15 16.22 -6.22 25.53
CA GLU B 15 15.68 -5.42 26.63
C GLU B 15 15.52 -3.99 26.13
N ILE B 16 16.47 -3.55 25.30
CA ILE B 16 16.40 -2.20 24.73
C ILE B 16 15.11 -2.06 23.92
N TRP B 17 14.69 -3.15 23.28
CA TRP B 17 13.47 -3.13 22.49
C TRP B 17 12.27 -2.87 23.40
N GLU B 18 12.40 -3.25 24.67
CA GLU B 18 11.34 -3.06 25.63
C GLU B 18 11.14 -1.57 25.89
N GLU B 19 12.22 -0.85 26.21
CA GLU B 19 12.12 0.58 26.48
C GLU B 19 11.37 1.23 25.33
N PHE B 20 12.01 1.24 24.17
CA PHE B 20 11.42 1.84 22.98
C PHE B 20 9.97 1.41 22.81
N SER B 21 9.71 0.11 22.93
CA SER B 21 8.36 -0.41 22.75
C SER B 21 7.34 0.17 23.73
N SER B 23 7.61 3.08 25.19
CA SER B 23 7.50 4.52 24.96
C SER B 23 6.42 4.73 23.91
N PHE B 24 5.99 3.63 23.30
CA PHE B 24 4.94 3.64 22.28
C PHE B 24 3.58 3.88 22.93
N THR B 25 3.20 2.96 23.82
CA THR B 25 1.92 3.01 24.54
C THR B 25 1.24 4.37 24.56
N PRO B 26 1.84 5.37 25.22
CA PRO B 26 1.20 6.69 25.25
C PRO B 26 1.24 7.42 23.90
N ALA B 27 1.20 6.66 22.82
CA ALA B 27 1.21 7.21 21.48
C ALA B 27 -0.08 6.73 20.82
N VAL B 28 -0.62 5.65 21.36
CA VAL B 28 -1.86 5.05 20.89
C VAL B 28 -3.05 5.96 21.21
N LYS B 29 -3.20 6.34 22.48
CA LYS B 29 -4.30 7.22 22.83
C LYS B 29 -4.16 8.55 22.10
N GLU B 30 -2.93 9.01 21.90
CA GLU B 30 -2.69 10.26 21.19
C GLU B 30 -3.26 10.18 19.78
N VAL B 31 -3.16 9.00 19.17
CA VAL B 31 -3.68 8.82 17.83
C VAL B 31 -5.20 8.97 17.88
N VAL B 32 -5.81 8.49 18.98
CA VAL B 32 -7.25 8.62 19.14
C VAL B 32 -7.62 10.11 19.15
N GLU B 33 -6.94 10.89 19.99
CA GLU B 33 -7.20 12.32 20.07
C GLU B 33 -7.07 12.90 18.67
N PHE B 34 -6.01 12.48 17.99
CA PHE B 34 -5.70 12.93 16.64
C PHE B 34 -6.81 12.60 15.64
N ALA B 35 -7.28 11.36 15.65
CA ALA B 35 -8.33 10.96 14.73
C ALA B 35 -9.60 11.78 14.92
N LYS B 36 -9.96 12.03 16.18
CA LYS B 36 -11.15 12.78 16.53
C LYS B 36 -11.07 14.24 16.09
N ARG B 37 -9.85 14.69 15.78
CA ARG B 37 -9.66 16.07 15.32
C ARG B 37 -9.68 16.13 13.79
N ILE B 38 -9.67 14.98 13.12
CA ILE B 38 -9.69 14.94 11.66
C ILE B 38 -11.11 15.26 11.17
N PRO B 39 -11.28 16.41 10.51
CA PRO B 39 -12.57 16.87 9.98
C PRO B 39 -13.35 15.78 9.26
N GLY B 40 -14.54 15.48 9.77
CA GLY B 40 -15.37 14.45 9.16
C GLY B 40 -15.14 13.07 9.77
N PHE B 41 -14.07 12.90 10.52
CA PHE B 41 -13.80 11.58 11.10
C PHE B 41 -14.88 11.15 12.08
N ARG B 42 -15.43 12.11 12.82
CA ARG B 42 -16.48 11.80 13.77
C ARG B 42 -17.81 11.53 13.09
N ASP B 43 -17.98 11.95 11.84
CA ASP B 43 -19.23 11.71 11.13
C ASP B 43 -19.34 10.26 10.66
N LEU B 44 -18.32 9.46 10.99
CA LEU B 44 -18.31 8.04 10.64
C LEU B 44 -19.00 7.28 11.77
N SER B 45 -19.52 6.10 11.48
CA SER B 45 -20.18 5.30 12.50
C SER B 45 -19.14 4.97 13.57
N GLN B 46 -19.58 4.80 14.80
CA GLN B 46 -18.68 4.51 15.90
C GLN B 46 -17.89 3.26 15.59
N HIS B 47 -18.55 2.27 15.01
CA HIS B 47 -17.91 1.01 14.64
C HIS B 47 -16.73 1.25 13.70
N ASP B 48 -16.98 1.97 12.60
CA ASP B 48 -15.95 2.28 11.63
C ASP B 48 -14.80 3.09 12.25
N GLN B 49 -15.15 4.02 13.12
CA GLN B 49 -14.15 4.84 13.77
C GLN B 49 -13.21 3.97 14.61
N VAL B 50 -13.81 2.99 15.29
CA VAL B 50 -13.05 2.08 16.13
C VAL B 50 -12.18 1.12 15.31
N ASN B 51 -12.76 0.55 14.26
CA ASN B 51 -12.03 -0.37 13.40
C ASN B 51 -10.85 0.29 12.69
N LEU B 52 -11.04 1.51 12.21
CA LEU B 52 -9.96 2.22 11.54
C LEU B 52 -8.79 2.39 12.51
N LEU B 53 -9.09 2.81 13.74
CA LEU B 53 -8.05 3.00 14.73
C LEU B 53 -7.35 1.69 15.09
N LYS B 54 -8.08 0.58 15.07
CA LYS B 54 -7.47 -0.71 15.40
C LYS B 54 -6.57 -1.20 14.27
N ALA B 55 -7.03 -1.08 13.04
CA ALA B 55 -6.21 -1.54 11.92
C ALA B 55 -5.16 -0.52 11.51
N GLY B 56 -5.45 0.76 11.71
CA GLY B 56 -4.52 1.80 11.29
C GLY B 56 -3.51 2.41 12.25
N THR B 57 -3.70 2.25 13.55
CA THR B 57 -2.76 2.82 14.51
C THR B 57 -1.28 2.43 14.25
N PHE B 58 -1.02 1.15 14.02
CA PHE B 58 0.36 0.72 13.76
C PHE B 58 0.98 1.58 12.65
N GLU B 59 0.32 1.61 11.51
CA GLU B 59 0.82 2.38 10.38
C GLU B 59 1.01 3.88 10.72
N VAL B 60 0.08 4.45 11.48
CA VAL B 60 0.23 5.85 11.89
C VAL B 60 1.48 6.02 12.76
N LEU B 61 1.73 5.08 13.67
CA LEU B 61 2.92 5.20 14.53
C LEU B 61 4.21 5.09 13.71
N VAL B 63 4.70 6.29 10.83
CA VAL B 63 4.90 7.63 10.33
C VAL B 63 5.37 8.56 11.43
N ARG B 64 4.75 8.47 12.60
CA ARG B 64 5.13 9.35 13.69
C ARG B 64 6.54 9.16 14.23
N PHE B 65 7.01 7.93 14.32
CA PHE B 65 8.33 7.69 14.84
C PHE B 65 9.47 7.87 13.81
N ALA B 66 9.11 8.29 12.61
CA ALA B 66 10.14 8.52 11.59
C ALA B 66 11.12 9.59 12.05
N SER B 67 10.63 10.56 12.80
CA SER B 67 11.46 11.66 13.31
C SER B 67 12.56 11.23 14.29
N LEU B 68 12.46 10.02 14.82
CA LEU B 68 13.47 9.53 15.76
C LEU B 68 14.70 8.96 15.04
N PHE B 69 14.60 8.82 13.72
CA PHE B 69 15.71 8.28 12.91
C PHE B 69 16.45 9.33 12.10
N ASP B 70 17.77 9.28 12.16
CA ASP B 70 18.64 10.20 11.43
C ASP B 70 19.39 9.32 10.42
N ALA B 71 19.06 9.48 9.15
CA ALA B 71 19.65 8.69 8.08
C ALA B 71 21.16 8.86 7.90
N LYS B 72 21.65 10.07 8.15
CA LYS B 72 23.07 10.39 8.02
C LYS B 72 23.94 9.56 8.97
N GLU B 73 23.68 9.72 10.27
CA GLU B 73 24.45 9.00 11.28
C GLU B 73 23.94 7.58 11.45
N ARG B 74 22.79 7.27 10.85
CA ARG B 74 22.17 5.95 10.96
C ARG B 74 21.91 5.67 12.44
N THR B 75 21.23 6.61 13.09
CA THR B 75 20.93 6.44 14.50
C THR B 75 19.44 6.47 14.76
N VAL B 76 19.05 6.02 15.95
CA VAL B 76 17.66 6.05 16.37
C VAL B 76 17.70 6.67 17.76
N THR B 77 16.96 7.75 17.94
CA THR B 77 16.93 8.41 19.23
C THR B 77 15.60 8.10 19.87
N PHE B 78 15.65 7.48 21.05
CA PHE B 78 14.45 7.11 21.81
C PHE B 78 13.88 8.34 22.50
N LEU B 79 12.62 8.26 22.91
CA LEU B 79 12.00 9.40 23.58
C LEU B 79 12.82 9.84 24.80
N SER B 80 13.39 8.87 25.50
CA SER B 80 14.20 9.15 26.67
C SER B 80 15.45 9.95 26.33
N GLY B 81 15.75 10.08 25.04
CA GLY B 81 16.94 10.82 24.64
C GLY B 81 18.13 9.93 24.31
N LYS B 82 18.12 8.67 24.77
CA LYS B 82 19.22 7.76 24.49
C LYS B 82 19.32 7.52 22.99
N LYS B 83 20.52 7.72 22.43
CA LYS B 83 20.75 7.54 21.01
C LYS B 83 21.51 6.25 20.73
N TYR B 84 20.95 5.39 19.88
CA TYR B 84 21.60 4.12 19.53
C TYR B 84 21.94 4.03 18.04
N SER B 85 22.89 3.16 17.73
CA SER B 85 23.26 2.91 16.35
C SER B 85 22.23 1.90 15.85
N VAL B 86 21.55 2.22 14.75
CA VAL B 86 20.56 1.29 14.24
C VAL B 86 21.19 -0.05 13.85
N ASP B 87 22.44 -0.03 13.38
CA ASP B 87 23.07 -1.29 12.98
C ASP B 87 23.44 -2.15 14.19
N ASP B 88 23.75 -1.51 15.32
CA ASP B 88 24.09 -2.29 16.52
C ASP B 88 22.86 -3.03 17.02
N LEU B 89 21.76 -2.31 17.23
CA LEU B 89 20.52 -2.95 17.71
C LEU B 89 20.11 -4.10 16.82
N HIS B 90 20.29 -3.95 15.51
CA HIS B 90 19.92 -5.02 14.61
C HIS B 90 20.72 -6.27 14.92
N SER B 91 22.03 -6.11 15.10
CA SER B 91 22.90 -7.25 15.38
C SER B 91 22.64 -7.84 16.77
N GLY B 93 19.56 -8.47 18.08
CA GLY B 93 18.27 -9.11 18.21
C GLY B 93 17.18 -8.13 18.64
N ALA B 94 17.45 -6.83 18.55
CA ALA B 94 16.44 -5.84 18.93
C ALA B 94 15.21 -6.03 18.05
N GLY B 95 15.42 -6.26 16.76
CA GLY B 95 14.28 -6.46 15.87
C GLY B 95 14.47 -6.09 14.42
N ASP B 96 13.90 -6.92 13.55
CA ASP B 96 13.97 -6.70 12.11
C ASP B 96 13.01 -5.54 11.76
N LEU B 97 12.11 -5.25 12.68
CA LEU B 97 11.15 -4.17 12.50
C LEU B 97 11.89 -2.84 12.70
N LEU B 98 12.82 -2.80 13.65
CA LEU B 98 13.55 -1.57 13.90
C LEU B 98 14.28 -1.12 12.63
N ASN B 99 14.83 -2.09 11.90
CA ASN B 99 15.54 -1.75 10.69
C ASN B 99 14.59 -1.39 9.57
N SER B 100 13.40 -1.97 9.59
CA SER B 100 12.39 -1.66 8.59
C SER B 100 11.96 -0.22 8.81
N PHE B 102 13.48 2.09 10.16
CA PHE B 102 14.58 2.97 9.80
C PHE B 102 14.62 3.21 8.30
N GLU B 103 14.46 2.14 7.52
CA GLU B 103 14.47 2.30 6.07
C GLU B 103 13.28 3.11 5.61
N PHE B 104 12.11 2.80 6.16
CA PHE B 104 10.91 3.54 5.79
C PHE B 104 11.13 5.01 6.12
N SER B 105 11.55 5.28 7.35
CA SER B 105 11.77 6.65 7.81
C SER B 105 12.85 7.41 7.01
N GLU B 106 13.87 6.69 6.58
CA GLU B 106 14.95 7.29 5.81
C GLU B 106 14.37 7.93 4.55
N LYS B 107 13.47 7.23 3.86
CA LYS B 107 12.86 7.77 2.67
C LYS B 107 11.84 8.90 2.98
N LEU B 108 10.96 8.67 3.96
CA LEU B 108 9.97 9.68 4.33
C LEU B 108 10.62 10.99 4.74
N ASN B 109 11.67 10.88 5.57
CA ASN B 109 12.35 12.08 6.03
C ASN B 109 12.93 12.88 4.86
N ALA B 110 13.59 12.20 3.94
CA ALA B 110 14.22 12.84 2.77
C ALA B 110 13.28 13.75 1.99
N LEU B 111 11.98 13.44 2.07
CA LEU B 111 10.96 14.22 1.40
C LEU B 111 10.81 15.61 2.01
N GLN B 112 11.31 15.77 3.23
CA GLN B 112 11.24 17.05 3.95
C GLN B 112 9.85 17.67 3.93
N LEU B 113 8.87 17.00 4.51
CA LEU B 113 7.54 17.56 4.53
C LEU B 113 7.47 18.57 5.65
N SER B 114 6.54 19.51 5.54
CA SER B 114 6.33 20.51 6.59
C SER B 114 5.43 19.83 7.62
N ASP B 115 5.36 20.39 8.83
CA ASP B 115 4.51 19.83 9.89
C ASP B 115 3.08 19.59 9.41
N GLU B 116 2.54 20.58 8.71
CA GLU B 116 1.19 20.53 8.18
C GLU B 116 1.00 19.36 7.21
N GLU B 117 1.92 19.22 6.28
CA GLU B 117 1.88 18.17 5.28
C GLU B 117 2.00 16.80 5.96
N SER B 119 1.08 16.10 8.92
CA SER B 119 -0.17 15.86 9.63
C SER B 119 -1.21 15.26 8.69
N LEU B 120 -1.42 15.93 7.56
CA LEU B 120 -2.42 15.46 6.59
C LEU B 120 -2.08 14.06 6.09
N PHE B 121 -0.80 13.84 5.77
CA PHE B 121 -0.38 12.52 5.31
C PHE B 121 -0.75 11.48 6.36
N THR B 122 -0.46 11.77 7.63
CA THR B 122 -0.79 10.85 8.73
C THR B 122 -2.31 10.61 8.75
N ALA B 123 -3.08 11.67 8.52
CA ALA B 123 -4.54 11.53 8.51
C ALA B 123 -4.94 10.58 7.38
N VAL B 124 -4.32 10.78 6.21
CA VAL B 124 -4.56 9.95 5.03
C VAL B 124 -4.22 8.49 5.36
N VAL B 125 -3.06 8.27 5.99
CA VAL B 125 -2.66 6.90 6.35
C VAL B 125 -3.76 6.24 7.19
N LEU B 126 -4.19 6.92 8.25
CA LEU B 126 -5.24 6.40 9.13
C LEU B 126 -6.54 6.05 8.42
N VAL B 127 -7.06 6.95 7.59
CA VAL B 127 -8.34 6.67 6.92
C VAL B 127 -8.21 5.66 5.78
N SER B 128 -6.95 5.31 5.48
CA SER B 128 -6.65 4.33 4.44
C SER B 128 -6.46 2.94 5.04
N ALA B 129 -6.69 2.80 6.35
CA ALA B 129 -6.52 1.50 7.01
C ALA B 129 -7.36 0.40 6.39
N ASP B 130 -6.95 -0.86 6.60
CA ASP B 130 -7.62 -2.05 6.09
C ASP B 130 -9.15 -1.99 6.22
N ARG B 131 -9.85 -2.02 5.10
CA ARG B 131 -11.30 -1.94 5.08
C ARG B 131 -12.02 -3.24 5.43
N SER B 132 -11.27 -4.30 5.73
CA SER B 132 -11.85 -5.61 6.07
C SER B 132 -13.04 -5.62 7.01
N GLY B 133 -12.94 -4.90 8.11
CA GLY B 133 -14.04 -4.89 9.07
C GLY B 133 -14.83 -3.60 9.07
N ILE B 134 -14.67 -2.80 8.02
CA ILE B 134 -15.39 -1.54 7.93
C ILE B 134 -16.83 -1.82 7.49
N GLU B 135 -17.79 -1.21 8.17
CA GLU B 135 -19.21 -1.38 7.87
C GLU B 135 -19.67 -0.58 6.66
N ASN B 136 -19.39 0.72 6.68
CA ASN B 136 -19.77 1.59 5.57
C ASN B 136 -18.51 1.99 4.78
N VAL B 137 -18.06 1.10 3.91
CA VAL B 137 -16.86 1.35 3.14
C VAL B 137 -16.90 2.63 2.30
N ASN B 138 -18.06 2.98 1.74
CA ASN B 138 -18.20 4.20 0.94
C ASN B 138 -17.90 5.45 1.76
N SER B 139 -18.51 5.51 2.94
CA SER B 139 -18.34 6.63 3.85
C SER B 139 -16.86 6.88 4.17
N VAL B 140 -16.11 5.80 4.33
CA VAL B 140 -14.70 5.88 4.63
C VAL B 140 -13.90 6.31 3.39
N GLU B 141 -14.25 5.77 2.22
CA GLU B 141 -13.54 6.13 0.99
C GLU B 141 -13.76 7.62 0.68
N ALA B 142 -14.94 8.10 1.00
CA ALA B 142 -15.28 9.50 0.76
C ALA B 142 -14.39 10.38 1.62
N LEU B 143 -14.24 9.98 2.88
CA LEU B 143 -13.43 10.76 3.81
C LEU B 143 -11.97 10.76 3.34
N GLN B 144 -11.49 9.59 2.92
CA GLN B 144 -10.12 9.41 2.43
C GLN B 144 -9.82 10.28 1.20
N GLU B 145 -10.77 10.35 0.27
CA GLU B 145 -10.61 11.16 -0.94
C GLU B 145 -10.54 12.66 -0.61
N THR B 146 -11.30 13.09 0.40
CA THR B 146 -11.26 14.49 0.80
C THR B 146 -9.85 14.81 1.32
N LEU B 147 -9.31 13.90 2.14
CA LEU B 147 -8.00 14.10 2.69
C LEU B 147 -6.93 13.98 1.61
N ILE B 148 -7.10 13.02 0.71
CA ILE B 148 -6.16 12.83 -0.39
C ILE B 148 -6.10 14.15 -1.19
N ARG B 149 -7.28 14.71 -1.52
CA ARG B 149 -7.35 15.97 -2.26
C ARG B 149 -6.72 17.16 -1.56
N ALA B 150 -6.91 17.25 -0.25
CA ALA B 150 -6.31 18.35 0.52
C ALA B 150 -4.79 18.17 0.62
N LEU B 151 -4.34 16.92 0.60
CA LEU B 151 -2.90 16.67 0.69
C LEU B 151 -2.25 17.11 -0.62
N ARG B 152 -2.83 16.63 -1.73
CA ARG B 152 -2.33 16.97 -3.07
C ARG B 152 -2.25 18.48 -3.23
N THR B 153 -3.38 19.14 -3.04
CA THR B 153 -3.46 20.57 -3.19
C THR B 153 -2.37 21.23 -2.34
N LEU B 154 -2.25 20.78 -1.09
CA LEU B 154 -1.26 21.35 -0.19
C LEU B 154 0.17 21.14 -0.67
N ILE B 155 0.40 20.02 -1.36
CA ILE B 155 1.74 19.72 -1.87
C ILE B 155 2.07 20.65 -3.04
N LYS B 157 1.19 23.42 -3.58
CA LYS B 157 1.33 24.79 -3.09
C LYS B 157 2.65 25.10 -2.39
N ASN B 158 3.14 24.17 -1.58
CA ASN B 158 4.38 24.39 -0.86
C ASN B 158 5.56 23.74 -1.55
N HIS B 159 5.28 23.11 -2.70
CA HIS B 159 6.29 22.43 -3.49
C HIS B 159 5.87 22.60 -4.94
N PRO B 160 5.71 23.88 -5.37
CA PRO B 160 5.30 24.25 -6.72
C PRO B 160 5.51 23.16 -7.75
N ASN B 161 6.76 22.87 -8.08
CA ASN B 161 7.00 21.82 -9.05
C ASN B 161 7.93 20.71 -8.56
N GLU B 162 7.36 19.85 -7.72
CA GLU B 162 8.02 18.68 -7.17
C GLU B 162 6.80 17.89 -6.68
N ALA B 163 5.83 17.81 -7.60
CA ALA B 163 4.56 17.14 -7.37
C ALA B 163 4.77 15.64 -7.20
N SER B 164 5.95 15.18 -7.56
CA SER B 164 6.29 13.77 -7.42
C SER B 164 6.22 13.41 -5.94
N ILE B 165 6.33 14.42 -5.07
CA ILE B 165 6.25 14.17 -3.65
C ILE B 165 4.88 13.57 -3.31
N PHE B 166 3.82 14.09 -3.91
CA PHE B 166 2.49 13.55 -3.63
C PHE B 166 2.42 12.08 -4.01
N THR B 167 2.90 11.78 -5.22
CA THR B 167 2.90 10.41 -5.72
C THR B 167 3.70 9.48 -4.83
N LYS B 168 4.88 9.92 -4.36
CA LYS B 168 5.70 9.09 -3.48
C LYS B 168 4.97 8.78 -2.16
N LEU B 169 4.26 9.77 -1.63
CA LEU B 169 3.51 9.58 -0.41
C LEU B 169 2.43 8.49 -0.62
N LEU B 170 1.70 8.57 -1.73
CA LEU B 170 0.70 7.56 -1.97
C LEU B 170 1.35 6.18 -2.05
N LEU B 171 2.54 6.10 -2.64
CA LEU B 171 3.22 4.81 -2.77
C LEU B 171 3.67 4.23 -1.42
N LYS B 172 3.67 5.06 -0.39
CA LYS B 172 4.04 4.61 0.95
C LYS B 172 2.91 3.82 1.60
N LEU B 173 1.67 4.03 1.15
CA LEU B 173 0.53 3.34 1.73
C LEU B 173 0.62 1.81 1.65
N PRO B 174 0.98 1.25 0.49
CA PRO B 174 1.09 -0.22 0.45
C PRO B 174 2.28 -0.72 1.29
N ASP B 175 3.34 0.09 1.36
CA ASP B 175 4.50 -0.29 2.18
C ASP B 175 4.12 -0.36 3.65
N LEU B 176 3.38 0.63 4.14
CA LEU B 176 2.95 0.66 5.52
C LEU B 176 2.02 -0.51 5.79
N ARG B 177 1.14 -0.81 4.83
CA ARG B 177 0.23 -1.93 5.00
C ARG B 177 1.00 -3.23 5.16
N SER B 178 2.11 -3.36 4.45
CA SER B 178 2.91 -4.58 4.54
C SER B 178 3.67 -4.63 5.86
N LEU B 179 4.19 -3.49 6.31
CA LEU B 179 4.91 -3.48 7.57
C LEU B 179 3.96 -3.97 8.63
N ASN B 180 2.73 -3.46 8.59
CA ASN B 180 1.70 -3.85 9.55
C ASN B 180 1.42 -5.35 9.52
N ASN B 181 1.10 -5.87 8.33
CA ASN B 181 0.80 -7.30 8.17
C ASN B 181 1.92 -8.19 8.70
N HIS B 183 4.69 -6.99 10.99
CA HIS B 183 5.14 -6.69 12.34
C HIS B 183 4.12 -6.20 13.38
N SER B 184 2.83 -6.20 13.06
CA SER B 184 1.85 -5.71 14.01
C SER B 184 1.98 -6.31 15.41
N GLU B 185 2.39 -7.57 15.48
CA GLU B 185 2.54 -8.27 16.77
C GLU B 185 3.75 -7.80 17.58
N GLU B 186 4.84 -7.47 16.90
CA GLU B 186 6.06 -7.00 17.54
C GLU B 186 5.83 -5.77 18.41
N LEU B 187 5.07 -4.87 17.98
#